data_8GBX
#
_entry.id   8GBX
#
_cell.length_a   91.621
_cell.length_b   131.101
_cell.length_c   104.553
_cell.angle_alpha   90.000
_cell.angle_beta   90.000
_cell.angle_gamma   90.000
#
_symmetry.space_group_name_H-M   'C 2 2 21'
#
loop_
_entity.id
_entity.type
_entity.pdbx_description
1 polymer 'PC39-50I Fab heavy chain'
2 polymer 'PC39-50I Fab light chain'
3 water water
#
loop_
_entity_poly.entity_id
_entity_poly.type
_entity_poly.pdbx_seq_one_letter_code
_entity_poly.pdbx_strand_id
1 'polypeptide(L)'
;QVQLQQWGAGLLKPSETLSVTCAIYGDSLSDYSWKWGVSRDDYYWTWIRQSPGKRLEWIGEINRGGNTKYNPSLSSRVKM
SIDASKNQFSLRMRSVTDTDTGIYYCARGRRSRQWIGDLPPGNQGLDVWGQGTTVIVSSASTKGPSVFPLAPSSKSTSGG
TAALGCLVKDYFPEPVTVSWNSGALTSGVHTFPAVLQSSGLYSLSSVVTVPSSSLGTQTYICNVNHKPSNTKVDKRVEPK
SCD
;
H
2 'polypeptide(L)'
;VHEIVLTQSPVTLSLSPGERATLSCRASQSVSSSYLAWYQHKPGQAPRLLISDVYRRASGVPDRFSGSGSGTEFTLTISR
LEPEDFAIYYCQQYGSSPPYTFGQGTKVEIKRTVAAPSVFIFPPSDEQLKSGTASVVCLLNNFYPREAKVQWKVDNALQS
GNSQESVTEQDSKDSTYSLSSTLTLSKADYEKHKVYACEVTHQGLSSPVTKSFNRGEC
;
L
#
# COMPACT_ATOMS: atom_id res chain seq x y z
N GLN A 1 8.00 27.73 3.32
CA GLN A 1 7.79 26.35 2.88
C GLN A 1 8.93 25.44 3.30
N VAL A 2 8.66 24.55 4.24
CA VAL A 2 9.65 23.63 4.78
C VAL A 2 9.37 22.24 4.22
N GLN A 3 10.34 21.67 3.52
CA GLN A 3 10.21 20.37 2.89
C GLN A 3 11.28 19.42 3.43
N LEU A 4 10.99 18.13 3.33
CA LEU A 4 11.90 17.07 3.71
C LEU A 4 12.13 16.16 2.50
N GLN A 5 13.38 15.73 2.31
CA GLN A 5 13.67 14.80 1.23
C GLN A 5 14.49 13.64 1.75
N GLN A 6 14.16 12.44 1.28
CA GLN A 6 14.78 11.19 1.69
C GLN A 6 15.42 10.55 0.47
N TRP A 7 16.71 10.25 0.58
CA TRP A 7 17.47 9.67 -0.53
C TRP A 7 17.86 8.24 -0.21
N GLY A 8 17.97 7.43 -1.26
CA GLY A 8 18.43 6.06 -1.14
C GLY A 8 17.28 5.06 -1.10
N ALA A 9 17.65 3.82 -0.78
CA ALA A 9 16.71 2.74 -0.61
C ALA A 9 17.34 1.70 0.29
N GLY A 10 16.51 0.81 0.82
CA GLY A 10 16.98 -0.20 1.75
C GLY A 10 16.88 -1.63 1.25
N LEU A 11 18.01 -2.32 1.18
CA LEU A 11 18.05 -3.74 0.79
C LEU A 11 19.02 -4.42 1.73
N LEU A 12 18.51 -5.14 2.73
CA LEU A 12 19.36 -5.67 3.78
C LEU A 12 19.04 -7.13 4.08
N LYS A 13 20.08 -7.88 4.43
N LYS A 13 20.08 -7.88 4.43
CA LYS A 13 19.91 -9.21 4.98
CA LYS A 13 19.91 -9.21 4.98
C LYS A 13 19.61 -9.12 6.47
C LYS A 13 19.62 -9.13 6.47
N PRO A 14 18.99 -10.15 7.04
CA PRO A 14 18.74 -10.14 8.49
C PRO A 14 20.04 -10.05 9.28
N SER A 15 19.98 -9.30 10.38
CA SER A 15 21.03 -8.98 11.36
C SER A 15 21.88 -7.78 10.94
N GLU A 16 21.66 -7.19 9.76
CA GLU A 16 22.46 -6.06 9.34
C GLU A 16 21.91 -4.77 9.97
N THR A 17 22.61 -3.67 9.73
CA THR A 17 22.28 -2.37 10.32
C THR A 17 21.68 -1.47 9.24
N LEU A 18 20.45 -1.02 9.48
CA LEU A 18 19.80 -0.06 8.61
C LEU A 18 20.28 1.35 8.95
N SER A 19 20.51 2.16 7.91
CA SER A 19 20.89 3.56 8.08
C SER A 19 20.15 4.40 7.06
N VAL A 20 19.30 5.31 7.55
CA VAL A 20 18.51 6.17 6.68
C VAL A 20 18.73 7.61 7.08
N THR A 21 18.72 8.51 6.10
CA THR A 21 18.97 9.92 6.34
C THR A 21 17.84 10.76 5.76
N CYS A 22 17.67 11.95 6.32
CA CYS A 22 16.64 12.89 5.91
C CYS A 22 17.25 14.28 5.86
N ALA A 23 16.97 15.02 4.79
CA ALA A 23 17.50 16.36 4.59
C ALA A 23 16.36 17.37 4.63
N ILE A 24 16.57 18.45 5.38
CA ILE A 24 15.60 19.52 5.57
C ILE A 24 15.92 20.66 4.60
N TYR A 25 14.87 21.26 4.03
CA TYR A 25 15.02 22.44 3.19
C TYR A 25 13.96 23.46 3.59
N GLY A 26 14.34 24.73 3.58
CA GLY A 26 13.44 25.80 3.96
C GLY A 26 13.56 26.27 5.38
N ASP A 27 14.54 25.78 6.13
CA ASP A 27 14.75 26.13 7.53
C ASP A 27 16.13 25.64 7.94
N SER A 28 16.75 26.35 8.87
CA SER A 28 18.09 26.04 9.32
C SER A 28 18.08 25.44 10.72
N LEU A 29 18.99 24.51 10.97
CA LEU A 29 19.15 23.93 12.30
C LEU A 29 20.21 24.63 13.12
N SER A 30 21.12 25.37 12.48
CA SER A 30 22.15 26.13 13.18
C SER A 30 21.75 27.60 13.36
N ASP A 31 20.46 27.91 13.21
CA ASP A 31 19.95 29.28 13.33
C ASP A 31 19.38 29.45 14.72
N TYR A 32 20.16 30.07 15.61
CA TYR A 32 19.77 30.29 17.00
C TYR A 32 19.18 31.67 17.23
N SER A 33 18.44 32.20 16.27
CA SER A 33 17.80 33.51 16.39
C SER A 33 16.28 33.30 16.45
N TRP A 34 15.70 33.56 17.62
CA TRP A 34 14.26 33.43 17.84
C TRP A 34 13.66 34.83 17.89
N LYS A 35 13.04 35.24 16.79
CA LYS A 35 12.44 36.56 16.69
C LYS A 35 10.98 36.53 16.26
N TRP A 36 10.45 35.37 15.89
CA TRP A 36 9.04 35.23 15.54
C TRP A 36 8.68 33.75 15.52
N GLY A 37 7.44 33.45 15.87
CA GLY A 37 6.95 32.09 15.82
C GLY A 37 7.41 31.23 16.99
N VAL A 38 7.79 29.98 16.70
CA VAL A 38 8.22 29.04 17.73
C VAL A 38 9.73 28.92 17.67
N SER A 39 10.31 28.57 18.81
CA SER A 39 11.75 28.32 18.87
C SER A 39 12.09 27.06 18.09
N ARG A 40 13.24 27.08 17.42
CA ARG A 40 13.68 25.91 16.67
C ARG A 40 14.05 24.74 17.57
N ASP A 41 14.04 24.93 18.89
CA ASP A 41 14.22 23.84 19.84
C ASP A 41 12.92 23.10 20.13
N ASP A 42 11.77 23.65 19.70
CA ASP A 42 10.50 22.96 19.84
C ASP A 42 10.23 21.99 18.70
N TYR A 43 11.11 21.95 17.68
CA TYR A 43 10.98 20.99 16.59
C TYR A 43 11.59 19.66 17.00
N TYR A 44 10.84 18.58 16.77
CA TYR A 44 11.31 17.24 17.08
C TYR A 44 11.32 16.44 15.77
N TRP A 45 12.50 16.14 15.28
CA TRP A 45 12.65 15.46 14.00
C TRP A 45 12.44 13.96 14.22
N THR A 46 11.44 13.42 13.53
CA THR A 46 10.82 12.15 13.87
C THR A 46 11.03 11.15 12.74
N TRP A 47 11.20 9.89 13.13
CA TRP A 47 11.15 8.77 12.22
C TRP A 47 9.91 7.93 12.53
N ILE A 48 9.14 7.62 11.49
CA ILE A 48 7.93 6.80 11.55
C ILE A 48 8.06 5.73 10.47
N ARG A 49 7.36 4.61 10.66
CA ARG A 49 7.41 3.55 9.67
C ARG A 49 6.06 2.86 9.57
N GLN A 50 5.86 2.19 8.44
CA GLN A 50 4.62 1.45 8.20
C GLN A 50 4.90 0.23 7.34
N SER A 51 4.46 -0.93 7.81
CA SER A 51 4.51 -2.21 7.11
C SER A 51 3.19 -2.44 6.37
N PRO A 52 3.22 -3.20 5.27
CA PRO A 52 2.03 -3.27 4.39
C PRO A 52 0.74 -3.63 5.10
N GLY A 53 0.76 -4.58 6.03
CA GLY A 53 -0.46 -4.96 6.72
C GLY A 53 -0.52 -4.51 8.16
N LYS A 54 -0.02 -3.30 8.44
CA LYS A 54 0.06 -2.81 9.81
C LYS A 54 -0.19 -1.30 9.82
N ARG A 55 -0.40 -0.77 11.02
CA ARG A 55 -0.61 0.65 11.22
C ARG A 55 0.72 1.37 11.37
N LEU A 56 0.67 2.70 11.23
CA LEU A 56 1.86 3.51 11.38
C LEU A 56 2.45 3.35 12.78
N GLU A 57 3.78 3.37 12.86
CA GLU A 57 4.49 3.17 14.12
C GLU A 57 5.49 4.30 14.32
N TRP A 58 5.33 5.05 15.41
CA TRP A 58 6.26 6.11 15.78
C TRP A 58 7.58 5.48 16.20
N ILE A 59 8.61 5.61 15.35
CA ILE A 59 9.91 5.04 15.69
C ILE A 59 10.60 5.87 16.76
N GLY A 60 10.71 7.18 16.53
CA GLY A 60 11.34 8.00 17.55
C GLY A 60 11.55 9.42 17.07
N GLU A 61 12.27 10.18 17.90
CA GLU A 61 12.50 11.60 17.64
C GLU A 61 13.82 12.04 18.25
N ILE A 62 14.41 13.07 17.62
CA ILE A 62 15.59 13.75 18.15
C ILE A 62 15.40 15.25 17.92
N ASN A 63 15.88 16.07 18.85
CA ASN A 63 15.71 17.51 18.75
C ASN A 63 17.05 18.17 18.42
N ARG A 64 16.98 19.49 18.21
CA ARG A 64 18.13 20.26 17.77
C ARG A 64 19.30 20.14 18.74
N GLY A 65 19.02 19.94 20.03
CA GLY A 65 20.06 19.84 21.03
C GLY A 65 20.68 18.47 21.21
N GLY A 66 20.07 17.43 20.65
CA GLY A 66 20.58 16.07 20.74
C GLY A 66 19.78 15.16 21.63
N ASN A 67 18.74 15.67 22.32
CA ASN A 67 17.92 14.84 23.17
C ASN A 67 17.04 13.94 22.33
N THR A 68 17.15 12.63 22.54
CA THR A 68 16.40 11.64 21.78
C THR A 68 15.33 10.99 22.65
N LYS A 69 14.30 10.49 21.98
CA LYS A 69 13.25 9.71 22.62
C LYS A 69 12.81 8.61 21.67
N TYR A 70 12.85 7.37 22.16
CA TYR A 70 12.66 6.19 21.32
C TYR A 70 11.46 5.38 21.78
N ASN A 71 10.74 4.82 20.82
CA ASN A 71 9.68 3.87 21.14
C ASN A 71 10.28 2.68 21.87
N PRO A 72 9.74 2.29 23.03
CA PRO A 72 10.36 1.20 23.79
C PRO A 72 10.42 -0.13 23.06
N SER A 73 9.57 -0.36 22.06
CA SER A 73 9.66 -1.58 21.28
C SER A 73 10.92 -1.61 20.42
N LEU A 74 11.39 -0.44 19.98
CA LEU A 74 12.59 -0.34 19.16
C LEU A 74 13.80 0.23 19.90
N SER A 75 13.62 0.78 21.10
CA SER A 75 14.65 1.58 21.74
C SER A 75 15.98 0.83 21.93
N SER A 76 15.95 -0.49 21.99
CA SER A 76 17.18 -1.24 22.20
C SER A 76 18.05 -1.33 20.95
N ARG A 77 17.46 -1.18 19.76
CA ARG A 77 18.18 -1.33 18.51
C ARG A 77 18.34 -0.03 17.74
N VAL A 78 17.83 1.08 18.28
CA VAL A 78 17.67 2.32 17.53
C VAL A 78 18.64 3.37 18.06
N LYS A 79 19.33 4.05 17.15
CA LYS A 79 20.12 5.23 17.44
C LYS A 79 19.72 6.33 16.47
N MET A 80 19.79 7.57 16.94
CA MET A 80 19.32 8.70 16.14
C MET A 80 20.33 9.83 16.25
N SER A 81 20.75 10.36 15.09
CA SER A 81 21.76 11.41 15.07
C SER A 81 21.23 12.59 14.27
N ILE A 82 21.84 13.76 14.50
CA ILE A 82 21.45 14.98 13.82
C ILE A 82 22.69 15.84 13.63
N ASP A 83 22.71 16.60 12.54
CA ASP A 83 23.81 17.54 12.30
C ASP A 83 23.28 18.74 11.52
N ALA A 84 23.61 19.94 12.01
CA ALA A 84 23.23 21.18 11.38
C ALA A 84 24.23 21.66 10.34
N SER A 85 25.37 20.97 10.20
CA SER A 85 26.32 21.32 9.15
C SER A 85 25.76 21.00 7.77
N LYS A 86 24.85 20.03 7.69
CA LYS A 86 24.16 19.70 6.45
C LYS A 86 22.64 19.79 6.57
N ASN A 87 22.12 20.23 7.73
CA ASN A 87 20.68 20.25 7.99
C ASN A 87 20.06 18.88 7.76
N GLN A 88 20.64 17.87 8.39
CA GLN A 88 20.20 16.50 8.17
C GLN A 88 20.09 15.76 9.49
N PHE A 89 19.29 14.71 9.49
CA PHE A 89 19.23 13.80 10.63
C PHE A 89 18.99 12.37 10.16
N SER A 90 19.52 11.43 10.91
CA SER A 90 19.60 10.05 10.45
C SER A 90 19.19 9.08 11.56
N LEU A 91 18.76 7.90 11.11
CA LEU A 91 18.35 6.79 11.96
C LEU A 91 19.21 5.57 11.65
N ARG A 92 19.63 4.88 12.71
CA ARG A 92 20.39 3.64 12.62
C ARG A 92 19.65 2.58 13.42
N MET A 93 19.21 1.52 12.73
CA MET A 93 18.47 0.44 13.37
C MET A 93 19.26 -0.86 13.24
N ARG A 94 19.75 -1.37 14.37
CA ARG A 94 20.56 -2.59 14.36
C ARG A 94 19.66 -3.83 14.32
N SER A 95 20.29 -4.96 14.03
CA SER A 95 19.69 -6.28 14.18
C SER A 95 18.36 -6.40 13.43
N VAL A 96 18.32 -5.84 12.22
CA VAL A 96 17.07 -5.86 11.46
C VAL A 96 16.70 -7.29 11.10
N THR A 97 15.40 -7.57 11.12
CA THR A 97 14.85 -8.86 10.71
C THR A 97 13.74 -8.60 9.70
N ASP A 98 13.11 -9.70 9.27
CA ASP A 98 12.05 -9.59 8.27
C ASP A 98 10.92 -8.67 8.71
N THR A 99 10.74 -8.51 10.02
CA THR A 99 9.63 -7.71 10.52
C THR A 99 9.83 -6.21 10.32
N ASP A 100 11.01 -5.77 9.92
CA ASP A 100 11.31 -4.35 9.77
C ASP A 100 11.14 -3.84 8.34
N THR A 101 10.65 -4.69 7.44
CA THR A 101 10.36 -4.24 6.08
C THR A 101 9.21 -3.25 6.08
N GLY A 102 9.35 -2.19 5.29
CA GLY A 102 8.26 -1.25 5.14
C GLY A 102 8.73 0.10 4.60
N ILE A 103 7.82 1.06 4.69
CA ILE A 103 8.08 2.45 4.30
C ILE A 103 8.51 3.22 5.53
N TYR A 104 9.63 3.93 5.41
CA TYR A 104 10.16 4.74 6.50
C TYR A 104 10.05 6.21 6.11
N TYR A 105 9.30 6.97 6.89
CA TYR A 105 9.13 8.40 6.72
C TYR A 105 9.92 9.16 7.78
N CYS A 106 10.43 10.32 7.39
CA CYS A 106 10.85 11.34 8.34
C CYS A 106 9.82 12.45 8.38
N ALA A 107 9.64 13.03 9.55
CA ALA A 107 8.65 14.09 9.72
C ALA A 107 9.17 15.11 10.73
N ARG A 108 8.45 16.21 10.83
CA ARG A 108 8.72 17.25 11.82
C ARG A 108 7.53 17.32 12.76
N GLY A 109 7.73 16.87 14.00
CA GLY A 109 6.75 17.10 15.04
C GLY A 109 7.01 18.44 15.71
N ARG A 110 5.92 19.05 16.18
CA ARG A 110 5.98 20.36 16.81
C ARG A 110 5.26 20.31 18.15
N ARG A 111 5.98 20.65 19.22
CA ARG A 111 5.41 20.71 20.57
C ARG A 111 5.91 22.01 21.19
N SER A 112 5.04 23.03 21.19
CA SER A 112 5.41 24.35 21.68
C SER A 112 4.39 24.80 22.73
N ARG A 113 4.89 25.31 23.86
CA ARG A 113 4.06 26.00 24.83
C ARG A 113 4.20 27.52 24.74
N GLN A 114 5.25 28.01 24.09
CA GLN A 114 5.54 29.43 24.01
C GLN A 114 5.81 29.82 22.57
N TRP A 115 5.52 31.08 22.25
CA TRP A 115 5.72 31.60 20.91
C TRP A 115 5.83 33.12 20.98
N ILE A 116 6.30 33.71 19.88
CA ILE A 116 6.42 35.16 19.73
C ILE A 116 5.41 35.58 18.67
N GLY A 117 4.35 36.25 19.11
CA GLY A 117 3.34 36.73 18.19
C GLY A 117 2.27 35.70 17.85
N ASP A 118 2.57 34.80 16.92
CA ASP A 118 1.60 33.85 16.41
C ASP A 118 2.14 32.43 16.53
N LEU A 119 1.26 31.50 16.88
CA LEU A 119 1.58 30.08 16.85
C LEU A 119 1.16 29.53 15.50
N PRO A 120 2.10 29.18 14.62
CA PRO A 120 1.72 28.69 13.29
C PRO A 120 0.92 27.41 13.39
N PRO A 121 -0.06 27.21 12.50
CA PRO A 121 -0.86 25.98 12.55
C PRO A 121 0.00 24.75 12.40
N GLY A 122 -0.45 23.66 13.01
CA GLY A 122 0.31 22.42 13.00
C GLY A 122 1.06 22.13 14.29
N ASN A 123 0.72 22.79 15.38
CA ASN A 123 1.30 22.44 16.68
C ASN A 123 0.70 21.13 17.17
N GLN A 124 1.48 20.43 17.99
CA GLN A 124 1.08 19.13 18.57
C GLN A 124 0.71 18.15 17.46
N GLY A 125 1.64 17.95 16.54
CA GLY A 125 1.43 17.03 15.44
C GLY A 125 2.65 17.00 14.56
N LEU A 126 2.61 16.09 13.58
CA LEU A 126 3.65 15.96 12.56
C LEU A 126 3.17 16.70 11.33
N ASP A 127 3.63 17.93 11.15
CA ASP A 127 3.06 18.81 10.13
C ASP A 127 3.77 18.74 8.80
N VAL A 128 4.98 18.18 8.73
CA VAL A 128 5.73 18.08 7.48
C VAL A 128 6.33 16.69 7.38
N TRP A 129 6.06 16.00 6.27
CA TRP A 129 6.49 14.62 6.07
C TRP A 129 7.35 14.49 4.82
N GLY A 130 8.27 13.52 4.85
CA GLY A 130 8.94 13.09 3.65
C GLY A 130 8.08 12.11 2.85
N GLN A 131 8.52 11.85 1.61
CA GLN A 131 7.71 11.03 0.72
C GLN A 131 7.78 9.54 1.04
N GLY A 132 8.81 9.09 1.75
CA GLY A 132 8.90 7.70 2.12
C GLY A 132 10.02 6.94 1.44
N THR A 133 10.81 6.22 2.22
CA THR A 133 11.89 5.39 1.71
C THR A 133 11.53 3.91 1.90
N THR A 134 11.62 3.14 0.82
CA THR A 134 11.30 1.72 0.86
C THR A 134 12.47 0.94 1.42
N VAL A 135 12.21 0.05 2.38
CA VAL A 135 13.23 -0.77 3.01
C VAL A 135 12.75 -2.22 3.02
N ILE A 136 13.56 -3.12 2.47
CA ILE A 136 13.23 -4.53 2.41
C ILE A 136 14.35 -5.33 3.09
N VAL A 137 13.96 -6.09 4.11
CA VAL A 137 14.85 -7.01 4.82
C VAL A 137 14.41 -8.42 4.49
N SER A 138 15.34 -9.24 4.00
CA SER A 138 15.03 -10.61 3.63
C SER A 138 16.32 -11.38 3.43
N SER A 139 16.22 -12.70 3.58
CA SER A 139 17.34 -13.58 3.27
C SER A 139 17.49 -13.80 1.77
N ALA A 140 16.46 -13.50 1.00
CA ALA A 140 16.49 -13.71 -0.44
C ALA A 140 17.56 -12.86 -1.10
N SER A 141 18.14 -13.39 -2.17
CA SER A 141 19.03 -12.62 -3.02
C SER A 141 18.21 -11.94 -4.12
N THR A 142 18.80 -10.89 -4.70
CA THR A 142 18.14 -10.17 -5.78
C THR A 142 17.90 -11.11 -6.95
N LYS A 143 16.64 -11.20 -7.39
CA LYS A 143 16.26 -12.13 -8.44
C LYS A 143 15.28 -11.45 -9.39
N GLY A 144 15.58 -11.50 -10.69
CA GLY A 144 14.69 -10.99 -11.69
C GLY A 144 13.52 -11.93 -11.92
N PRO A 145 12.40 -11.38 -12.39
CA PRO A 145 11.18 -12.18 -12.50
C PRO A 145 11.16 -13.09 -13.71
N SER A 146 10.43 -14.20 -13.55
CA SER A 146 10.02 -15.02 -14.69
C SER A 146 8.66 -14.52 -15.18
N VAL A 147 8.57 -14.22 -16.46
CA VAL A 147 7.35 -13.66 -17.05
C VAL A 147 6.70 -14.76 -17.88
N PHE A 148 5.53 -15.24 -17.44
CA PHE A 148 4.83 -16.27 -18.17
C PHE A 148 3.56 -15.71 -18.80
N PRO A 149 3.18 -16.18 -19.99
CA PRO A 149 2.02 -15.60 -20.69
C PRO A 149 0.71 -16.22 -20.21
N LEU A 150 -0.16 -15.39 -19.64
CA LEU A 150 -1.55 -15.76 -19.42
C LEU A 150 -2.25 -15.65 -20.76
N ALA A 151 -2.29 -16.77 -21.47
CA ALA A 151 -2.72 -16.74 -22.87
C ALA A 151 -4.23 -16.63 -22.96
N PRO A 152 -4.75 -15.84 -23.90
CA PRO A 152 -6.20 -15.78 -24.10
C PRO A 152 -6.71 -17.05 -24.77
N SER A 153 -7.89 -17.49 -24.32
CA SER A 153 -8.54 -18.65 -24.90
C SER A 153 -10.05 -18.43 -24.84
N SER A 154 -10.81 -19.47 -25.20
CA SER A 154 -12.25 -19.43 -25.06
C SER A 154 -12.68 -19.24 -23.61
N LYS A 155 -11.83 -19.63 -22.66
CA LYS A 155 -12.14 -19.49 -21.24
C LYS A 155 -11.81 -18.11 -20.70
N SER A 156 -11.32 -17.19 -21.56
CA SER A 156 -11.05 -15.82 -21.16
C SER A 156 -11.66 -14.84 -22.15
N THR A 157 -12.81 -15.19 -22.71
CA THR A 157 -13.47 -14.40 -23.75
C THR A 157 -14.92 -14.17 -23.36
N SER A 158 -15.38 -12.94 -23.51
CA SER A 158 -16.77 -12.60 -23.20
C SER A 158 -17.23 -11.51 -24.16
N GLY A 159 -18.12 -11.86 -25.09
CA GLY A 159 -18.71 -10.91 -26.01
C GLY A 159 -17.70 -10.12 -26.83
N GLY A 160 -16.97 -10.82 -27.70
CA GLY A 160 -16.02 -10.17 -28.58
C GLY A 160 -14.82 -9.58 -27.88
N THR A 161 -14.73 -9.76 -26.57
CA THR A 161 -13.64 -9.26 -25.75
C THR A 161 -12.90 -10.42 -25.12
N ALA A 162 -11.57 -10.36 -25.18
CA ALA A 162 -10.72 -11.40 -24.63
C ALA A 162 -9.73 -10.79 -23.65
N ALA A 163 -9.52 -11.48 -22.53
CA ALA A 163 -8.54 -11.08 -21.53
C ALA A 163 -7.23 -11.83 -21.78
N LEU A 164 -6.12 -11.13 -21.60
CA LEU A 164 -4.80 -11.74 -21.74
C LEU A 164 -3.84 -11.03 -20.81
N GLY A 165 -2.82 -11.75 -20.36
CA GLY A 165 -1.98 -11.10 -19.37
C GLY A 165 -0.59 -11.69 -19.25
N CYS A 166 0.13 -11.20 -18.24
CA CYS A 166 1.47 -11.64 -17.91
C CYS A 166 1.53 -11.94 -16.42
N LEU A 167 2.06 -13.12 -16.08
CA LEU A 167 2.32 -13.51 -14.70
C LEU A 167 3.79 -13.24 -14.42
N VAL A 168 4.06 -12.25 -13.58
CA VAL A 168 5.41 -11.86 -13.20
C VAL A 168 5.69 -12.54 -11.87
N LYS A 169 6.44 -13.64 -11.90
CA LYS A 169 6.54 -14.55 -10.77
C LYS A 169 7.98 -14.68 -10.28
N ASP A 170 8.14 -14.83 -8.96
CA ASP A 170 9.40 -15.20 -8.34
C ASP A 170 10.48 -14.16 -8.63
N TYR A 171 10.27 -12.97 -8.07
CA TYR A 171 11.24 -11.88 -8.17
C TYR A 171 11.43 -11.23 -6.81
N PHE A 172 12.56 -10.57 -6.65
CA PHE A 172 12.91 -9.88 -5.42
C PHE A 172 14.02 -8.86 -5.67
N PRO A 173 13.90 -7.64 -5.13
CA PRO A 173 12.76 -7.17 -4.35
C PRO A 173 11.74 -6.40 -5.18
N GLU A 174 10.80 -5.75 -4.51
CA GLU A 174 9.96 -4.76 -5.14
C GLU A 174 10.80 -3.57 -5.58
N PRO A 175 10.33 -2.80 -6.58
CA PRO A 175 9.12 -3.03 -7.36
C PRO A 175 9.43 -3.50 -8.77
N VAL A 176 8.37 -3.76 -9.55
CA VAL A 176 8.49 -3.96 -10.98
C VAL A 176 7.47 -3.07 -11.67
N THR A 177 7.81 -2.63 -12.86
CA THR A 177 6.87 -1.90 -13.69
C THR A 177 6.47 -2.75 -14.89
N VAL A 178 5.22 -2.61 -15.31
CA VAL A 178 4.68 -3.37 -16.44
C VAL A 178 4.03 -2.40 -17.41
N SER A 179 4.44 -2.47 -18.67
CA SER A 179 3.78 -1.76 -19.75
C SER A 179 3.33 -2.75 -20.82
N TRP A 180 2.44 -2.31 -21.69
CA TRP A 180 1.95 -3.15 -22.77
C TRP A 180 2.21 -2.46 -24.11
N ASN A 181 2.77 -3.21 -25.06
CA ASN A 181 3.12 -2.69 -26.38
C ASN A 181 3.94 -1.42 -26.25
N SER A 182 4.96 -1.47 -25.38
CA SER A 182 5.89 -0.36 -25.16
C SER A 182 5.16 0.92 -24.75
N GLY A 183 4.07 0.78 -23.99
CA GLY A 183 3.30 1.92 -23.53
C GLY A 183 2.18 2.35 -24.44
N ALA A 184 2.13 1.86 -25.67
CA ALA A 184 1.10 2.25 -26.62
C ALA A 184 -0.26 1.64 -26.31
N LEU A 185 -0.36 0.82 -25.27
CA LEU A 185 -1.63 0.21 -24.85
C LEU A 185 -1.84 0.52 -23.38
N THR A 186 -2.87 1.31 -23.08
CA THR A 186 -3.09 1.77 -21.71
C THR A 186 -4.52 1.52 -21.27
N SER A 187 -5.47 1.57 -22.20
CA SER A 187 -6.87 1.40 -21.85
C SER A 187 -7.16 -0.04 -21.44
N GLY A 188 -7.86 -0.20 -20.32
CA GLY A 188 -8.28 -1.51 -19.88
C GLY A 188 -7.16 -2.38 -19.34
N VAL A 189 -6.12 -1.78 -18.76
CA VAL A 189 -5.02 -2.52 -18.17
C VAL A 189 -5.18 -2.50 -16.65
N HIS A 190 -4.98 -3.66 -16.03
CA HIS A 190 -5.00 -3.79 -14.57
C HIS A 190 -3.74 -4.51 -14.15
N THR A 191 -2.88 -3.82 -13.39
CA THR A 191 -1.69 -4.43 -12.81
C THR A 191 -1.90 -4.55 -11.31
N PHE A 192 -1.78 -5.76 -10.80
CA PHE A 192 -2.16 -6.09 -9.43
C PHE A 192 -1.00 -5.90 -8.47
N PRO A 193 -1.30 -5.51 -7.23
CA PRO A 193 -0.25 -5.42 -6.20
C PRO A 193 0.41 -6.77 -6.00
N ALA A 194 1.73 -6.75 -5.86
CA ALA A 194 2.49 -7.97 -5.70
C ALA A 194 2.17 -8.65 -4.37
N VAL A 195 2.16 -9.97 -4.37
CA VAL A 195 1.95 -10.77 -3.17
C VAL A 195 3.24 -11.51 -2.85
N LEU A 196 3.66 -11.43 -1.59
CA LEU A 196 4.88 -12.10 -1.15
C LEU A 196 4.56 -13.56 -0.82
N GLN A 197 5.20 -14.48 -1.52
CA GLN A 197 5.02 -15.90 -1.27
C GLN A 197 5.86 -16.34 -0.07
N SER A 198 5.56 -17.54 0.44
CA SER A 198 6.31 -18.07 1.58
C SER A 198 7.77 -18.28 1.27
N SER A 199 8.14 -18.36 0.00
CA SER A 199 9.52 -18.53 -0.43
C SER A 199 10.35 -17.24 -0.30
N GLY A 200 9.73 -16.14 0.07
CA GLY A 200 10.41 -14.87 0.15
C GLY A 200 10.44 -14.07 -1.14
N LEU A 201 9.82 -14.57 -2.20
CA LEU A 201 9.81 -13.92 -3.51
C LEU A 201 8.42 -13.37 -3.80
N TYR A 202 8.39 -12.33 -4.64
CA TYR A 202 7.15 -11.65 -4.99
C TYR A 202 6.58 -12.17 -6.31
N SER A 203 5.27 -12.02 -6.46
CA SER A 203 4.59 -12.43 -7.67
C SER A 203 3.37 -11.53 -7.85
N LEU A 204 3.07 -11.23 -9.12
CA LEU A 204 1.92 -10.39 -9.45
C LEU A 204 1.48 -10.73 -10.87
N SER A 205 0.39 -10.09 -11.29
CA SER A 205 -0.16 -10.29 -12.61
C SER A 205 -0.52 -8.95 -13.22
N SER A 206 -0.46 -8.88 -14.55
CA SER A 206 -0.89 -7.71 -15.29
C SER A 206 -1.77 -8.18 -16.45
N VAL A 207 -3.03 -7.75 -16.45
CA VAL A 207 -3.99 -8.22 -17.44
C VAL A 207 -4.51 -7.05 -18.24
N VAL A 208 -5.02 -7.35 -19.43
CA VAL A 208 -5.63 -6.35 -20.31
C VAL A 208 -6.69 -7.05 -21.16
N THR A 209 -7.75 -6.30 -21.45
CA THR A 209 -8.86 -6.79 -22.27
C THR A 209 -8.79 -6.13 -23.64
N VAL A 210 -8.79 -6.94 -24.69
CA VAL A 210 -8.69 -6.45 -26.06
C VAL A 210 -9.84 -7.04 -26.87
N PRO A 211 -10.11 -6.49 -28.05
CA PRO A 211 -11.09 -7.11 -28.94
C PRO A 211 -10.66 -8.52 -29.32
N SER A 212 -11.63 -9.43 -29.37
CA SER A 212 -11.34 -10.81 -29.74
C SER A 212 -10.85 -10.89 -31.18
N SER A 213 -11.56 -10.25 -32.10
CA SER A 213 -11.20 -10.29 -33.51
C SER A 213 -9.79 -9.76 -33.78
N SER A 214 -9.26 -8.92 -32.90
CA SER A 214 -7.92 -8.38 -33.07
C SER A 214 -6.82 -9.36 -32.71
N LEU A 215 -7.16 -10.49 -32.07
CA LEU A 215 -6.13 -11.43 -31.64
C LEU A 215 -5.40 -12.07 -32.80
N GLY A 216 -6.02 -12.15 -33.97
CA GLY A 216 -5.32 -12.58 -35.17
C GLY A 216 -4.61 -11.49 -35.92
N THR A 217 -4.88 -10.23 -35.59
CA THR A 217 -4.30 -9.08 -36.28
C THR A 217 -3.20 -8.40 -35.49
N GLN A 218 -3.40 -8.22 -34.18
CA GLN A 218 -2.46 -7.49 -33.34
C GLN A 218 -1.55 -8.45 -32.58
N THR A 219 -0.32 -8.01 -32.36
CA THR A 219 0.66 -8.72 -31.55
C THR A 219 0.81 -7.99 -30.22
N TYR A 220 0.60 -8.71 -29.11
CA TYR A 220 0.60 -8.10 -27.79
C TYR A 220 1.85 -8.55 -27.03
N ILE A 221 2.62 -7.57 -26.58
CA ILE A 221 3.85 -7.80 -25.81
C ILE A 221 3.69 -7.10 -24.46
N CYS A 222 4.08 -7.78 -23.39
CA CYS A 222 4.18 -7.15 -22.08
C CYS A 222 5.66 -6.90 -21.77
N ASN A 223 5.95 -5.67 -21.35
CA ASN A 223 7.30 -5.21 -21.03
C ASN A 223 7.41 -5.11 -19.53
N VAL A 224 8.16 -6.02 -18.93
CA VAL A 224 8.36 -6.09 -17.49
C VAL A 224 9.74 -5.55 -17.18
N ASN A 225 9.82 -4.62 -16.23
CA ASN A 225 11.06 -3.97 -15.84
C ASN A 225 11.28 -4.18 -14.36
N HIS A 226 12.43 -4.77 -14.01
CA HIS A 226 12.85 -4.95 -12.62
C HIS A 226 14.21 -4.29 -12.48
N LYS A 227 14.21 -3.06 -11.95
CA LYS A 227 15.40 -2.23 -11.82
C LYS A 227 16.43 -2.81 -10.85
N PRO A 228 16.04 -3.34 -9.68
CA PRO A 228 17.06 -3.87 -8.76
C PRO A 228 17.91 -4.97 -9.37
N SER A 229 17.35 -5.81 -10.23
CA SER A 229 18.11 -6.84 -10.92
C SER A 229 18.58 -6.39 -12.29
N ASN A 230 18.21 -5.17 -12.71
CA ASN A 230 18.65 -4.61 -13.99
C ASN A 230 18.14 -5.44 -15.17
N THR A 231 16.87 -5.83 -15.11
CA THR A 231 16.31 -6.70 -16.14
C THR A 231 15.10 -6.05 -16.80
N LYS A 232 14.99 -6.24 -18.12
CA LYS A 232 13.78 -5.92 -18.86
C LYS A 232 13.47 -7.10 -19.76
N VAL A 233 12.21 -7.55 -19.71
CA VAL A 233 11.76 -8.74 -20.43
C VAL A 233 10.54 -8.37 -21.25
N ASP A 234 10.58 -8.66 -22.55
CA ASP A 234 9.46 -8.45 -23.46
C ASP A 234 8.89 -9.81 -23.82
N LYS A 235 7.68 -10.10 -23.36
CA LYS A 235 7.06 -11.40 -23.56
C LYS A 235 5.85 -11.25 -24.47
N ARG A 236 5.79 -12.07 -25.52
CA ARG A 236 4.68 -12.08 -26.45
C ARG A 236 3.62 -13.08 -25.96
N VAL A 237 2.39 -12.61 -25.83
CA VAL A 237 1.29 -13.41 -25.31
C VAL A 237 0.51 -13.94 -26.52
N GLU A 238 0.74 -15.21 -26.85
CA GLU A 238 0.08 -15.77 -28.02
C GLU A 238 -1.19 -16.50 -27.63
N PRO A 239 -2.24 -16.38 -28.43
CA PRO A 239 -3.50 -17.04 -28.11
C PRO A 239 -3.35 -18.56 -28.07
N LYS A 240 -4.36 -19.22 -27.48
CA LYS A 240 -4.33 -20.66 -27.29
C LYS A 240 -5.77 -21.16 -27.25
N SER A 241 -5.92 -22.47 -27.40
CA SER A 241 -7.21 -23.13 -27.30
C SER A 241 -7.21 -24.05 -26.10
N CYS A 242 -8.32 -24.07 -25.37
CA CYS A 242 -8.43 -24.88 -24.16
C CYS A 242 -9.86 -25.34 -23.94
N VAL B 1 3.77 -0.47 28.36
CA VAL B 1 2.41 -0.88 28.07
C VAL B 1 1.47 0.20 28.61
N HIS B 2 2.08 1.24 29.17
CA HIS B 2 1.36 2.46 29.52
C HIS B 2 0.78 3.17 28.30
N GLU B 3 1.06 2.68 27.09
CA GLU B 3 0.70 3.39 25.88
C GLU B 3 -0.81 3.49 25.70
N ILE B 4 -1.27 4.66 25.29
CA ILE B 4 -2.65 4.84 24.85
C ILE B 4 -2.86 4.10 23.53
N VAL B 5 -3.99 3.41 23.40
CA VAL B 5 -4.32 2.64 22.21
C VAL B 5 -5.54 3.27 21.56
N LEU B 6 -5.40 3.67 20.30
CA LEU B 6 -6.49 4.26 19.53
C LEU B 6 -7.10 3.23 18.60
N THR B 7 -8.42 3.33 18.41
CA THR B 7 -9.15 2.40 17.55
C THR B 7 -10.15 3.18 16.71
N GLN B 8 -10.09 3.02 15.40
CA GLN B 8 -10.87 3.83 14.48
C GLN B 8 -12.06 3.04 13.94
N SER B 9 -13.12 3.77 13.57
CA SER B 9 -14.34 3.16 13.06
C SER B 9 -15.04 4.11 12.09
N PRO B 10 -15.61 3.59 10.99
CA PRO B 10 -15.54 2.16 10.64
C PRO B 10 -14.22 1.83 9.93
N VAL B 11 -14.02 0.56 9.62
CA VAL B 11 -12.84 0.17 8.85
C VAL B 11 -12.91 0.73 7.44
N THR B 12 -14.11 0.73 6.85
CA THR B 12 -14.32 1.26 5.51
C THR B 12 -15.65 2.01 5.49
N LEU B 13 -15.61 3.25 5.02
CA LEU B 13 -16.80 4.07 4.85
C LEU B 13 -17.07 4.25 3.37
N SER B 14 -18.28 3.90 2.93
CA SER B 14 -18.65 3.90 1.52
C SER B 14 -19.69 5.00 1.30
N LEU B 15 -19.25 6.11 0.69
CA LEU B 15 -20.12 7.26 0.46
C LEU B 15 -19.83 7.83 -0.92
N SER B 16 -20.73 8.70 -1.37
CA SER B 16 -20.64 9.40 -2.64
C SER B 16 -20.12 10.82 -2.43
N PRO B 17 -19.59 11.46 -3.47
CA PRO B 17 -19.18 12.86 -3.34
C PRO B 17 -20.35 13.76 -2.97
N GLY B 18 -20.06 14.82 -2.22
CA GLY B 18 -21.07 15.72 -1.73
C GLY B 18 -21.75 15.30 -0.45
N GLU B 19 -21.59 14.04 -0.03
CA GLU B 19 -22.19 13.56 1.20
C GLU B 19 -21.36 13.99 2.41
N ARG B 20 -21.85 13.64 3.60
CA ARG B 20 -21.19 13.97 4.85
C ARG B 20 -20.50 12.73 5.39
N ALA B 21 -19.20 12.87 5.70
CA ALA B 21 -18.40 11.78 6.21
C ALA B 21 -18.04 12.04 7.67
N THR B 22 -18.07 10.97 8.47
CA THR B 22 -17.78 11.05 9.89
C THR B 22 -16.94 9.84 10.28
N LEU B 23 -15.78 10.09 10.88
CA LEU B 23 -14.85 9.03 11.28
C LEU B 23 -14.60 9.12 12.79
N SER B 24 -14.67 7.98 13.47
CA SER B 24 -14.55 7.93 14.92
C SER B 24 -13.21 7.33 15.33
N CYS B 25 -12.65 7.86 16.42
CA CYS B 25 -11.38 7.41 16.97
C CYS B 25 -11.55 7.32 18.48
N ARG B 26 -11.51 6.12 19.03
CA ARG B 26 -11.72 5.91 20.47
C ARG B 26 -10.39 5.57 21.13
N ALA B 27 -10.07 6.28 22.21
CA ALA B 27 -8.88 6.03 22.99
C ALA B 27 -9.21 5.13 24.18
N SER B 28 -8.23 4.33 24.58
CA SER B 28 -8.47 3.39 25.68
C SER B 28 -8.60 4.12 27.01
N GLN B 29 -7.82 5.18 27.21
CA GLN B 29 -7.99 6.08 28.34
C GLN B 29 -8.05 7.51 27.83
N SER B 30 -8.59 8.39 28.67
CA SER B 30 -8.86 9.77 28.24
C SER B 30 -7.58 10.48 27.84
N VAL B 31 -7.60 11.11 26.67
CA VAL B 31 -6.50 11.92 26.18
C VAL B 31 -6.99 13.36 26.08
N SER B 32 -6.11 14.30 26.43
CA SER B 32 -6.45 15.71 26.32
C SER B 32 -6.72 16.08 24.87
N SER B 33 -7.73 16.92 24.65
CA SER B 33 -8.07 17.38 23.31
C SER B 33 -6.90 18.08 22.63
N SER B 34 -5.94 18.58 23.42
CA SER B 34 -4.79 19.28 22.87
C SER B 34 -3.77 18.35 22.22
N TYR B 35 -3.93 17.03 22.35
CA TYR B 35 -2.94 16.09 21.87
C TYR B 35 -3.55 15.02 20.96
N LEU B 36 -4.57 15.39 20.20
CA LEU B 36 -5.21 14.46 19.25
C LEU B 36 -5.12 15.07 17.86
N ALA B 37 -4.53 14.31 16.92
CA ALA B 37 -4.25 14.78 15.58
C ALA B 37 -4.80 13.81 14.55
N TRP B 38 -5.24 14.36 13.42
CA TRP B 38 -5.72 13.58 12.29
C TRP B 38 -4.80 13.79 11.09
N TYR B 39 -4.61 12.72 10.32
CA TYR B 39 -3.78 12.75 9.12
C TYR B 39 -4.55 12.11 7.98
N GLN B 40 -4.31 12.62 6.77
CA GLN B 40 -4.80 12.03 5.54
C GLN B 40 -3.65 11.37 4.79
N HIS B 41 -3.93 10.23 4.17
CA HIS B 41 -2.89 9.47 3.49
C HIS B 41 -3.45 8.85 2.22
N LYS B 42 -2.76 9.08 1.10
CA LYS B 42 -3.05 8.49 -0.19
C LYS B 42 -1.91 7.58 -0.60
N PRO B 43 -2.21 6.43 -1.23
CA PRO B 43 -1.14 5.48 -1.57
C PRO B 43 -0.10 6.10 -2.48
N GLY B 44 1.18 5.87 -2.15
CA GLY B 44 2.29 6.45 -2.87
C GLY B 44 2.63 7.88 -2.49
N GLN B 45 1.76 8.56 -1.75
CA GLN B 45 1.94 9.94 -1.37
C GLN B 45 2.18 10.03 0.14
N ALA B 46 2.88 11.08 0.55
CA ALA B 46 3.16 11.28 1.96
C ALA B 46 1.90 11.63 2.73
N PRO B 47 1.82 11.27 4.01
CA PRO B 47 0.66 11.67 4.81
C PRO B 47 0.65 13.17 5.07
N ARG B 48 -0.56 13.72 5.17
CA ARG B 48 -0.76 15.16 5.34
C ARG B 48 -1.55 15.42 6.61
N LEU B 49 -1.02 16.29 7.46
CA LEU B 49 -1.70 16.64 8.71
C LEU B 49 -2.95 17.48 8.41
N LEU B 50 -4.05 17.13 9.07
CA LEU B 50 -5.32 17.84 8.89
C LEU B 50 -5.68 18.63 10.14
N ILE B 51 -5.99 17.94 11.23
CA ILE B 51 -6.45 18.57 12.47
C ILE B 51 -5.42 18.32 13.56
N SER B 52 -5.11 19.37 14.31
CA SER B 52 -4.11 19.26 15.38
C SER B 52 -4.46 20.24 16.49
N ASP B 53 -3.72 20.13 17.59
CA ASP B 53 -3.91 20.95 18.79
C ASP B 53 -5.38 20.81 19.22
N VAL B 54 -6.08 21.89 19.50
CA VAL B 54 -7.48 21.79 19.93
C VAL B 54 -8.38 21.93 18.70
N TYR B 55 -8.39 20.91 17.85
CA TYR B 55 -9.26 20.85 16.68
C TYR B 55 -8.99 21.98 15.70
N ARG B 56 -7.74 22.41 15.61
CA ARG B 56 -7.33 23.48 14.72
C ARG B 56 -6.83 22.90 13.41
N ARG B 57 -7.27 23.49 12.30
CA ARG B 57 -6.86 23.01 10.98
C ARG B 57 -5.40 23.32 10.71
N ALA B 58 -4.72 22.39 10.05
CA ALA B 58 -3.32 22.58 9.68
C ALA B 58 -3.22 23.49 8.47
N SER B 59 -2.00 23.67 7.95
CA SER B 59 -1.80 24.56 6.82
C SER B 59 -2.45 24.00 5.57
N GLY B 60 -3.15 24.87 4.83
CA GLY B 60 -3.76 24.49 3.58
C GLY B 60 -4.87 23.46 3.68
N VAL B 61 -5.52 23.37 4.83
CA VAL B 61 -6.62 22.43 5.03
C VAL B 61 -7.93 23.19 4.84
N PRO B 62 -8.80 22.77 3.92
CA PRO B 62 -10.04 23.52 3.66
C PRO B 62 -10.98 23.46 4.86
N ASP B 63 -11.96 24.38 4.82
CA ASP B 63 -12.89 24.55 5.94
C ASP B 63 -13.87 23.39 6.09
N ARG B 64 -13.96 22.49 5.10
CA ARG B 64 -14.88 21.37 5.21
C ARG B 64 -14.38 20.27 6.13
N PHE B 65 -13.14 20.37 6.62
CA PHE B 65 -12.59 19.42 7.59
C PHE B 65 -12.72 20.02 8.98
N SER B 66 -13.45 19.33 9.86
CA SER B 66 -13.61 19.78 11.24
C SER B 66 -13.35 18.62 12.19
N GLY B 67 -13.07 18.96 13.44
CA GLY B 67 -12.79 17.97 14.44
C GLY B 67 -13.46 18.24 15.77
N SER B 68 -13.90 17.18 16.45
CA SER B 68 -14.50 17.29 17.77
C SER B 68 -14.05 16.11 18.62
N GLY B 69 -14.33 16.17 19.91
CA GLY B 69 -13.95 15.08 20.79
C GLY B 69 -14.32 15.38 22.23
N SER B 70 -14.26 14.34 23.05
CA SER B 70 -14.59 14.42 24.46
C SER B 70 -13.46 13.96 25.37
N GLY B 71 -12.34 13.50 24.80
CA GLY B 71 -11.26 12.97 25.61
C GLY B 71 -11.08 11.48 25.41
N THR B 72 -12.20 10.77 25.23
CA THR B 72 -12.18 9.34 24.94
C THR B 72 -12.64 9.00 23.53
N GLU B 73 -13.62 9.74 23.00
CA GLU B 73 -14.09 9.56 21.64
C GLU B 73 -13.88 10.84 20.86
N PHE B 74 -13.26 10.73 19.69
CA PHE B 74 -12.97 11.86 18.82
C PHE B 74 -13.57 11.59 17.44
N THR B 75 -13.88 12.68 16.73
CA THR B 75 -14.58 12.56 15.46
C THR B 75 -14.02 13.57 14.46
N LEU B 76 -13.66 13.06 13.29
CA LEU B 76 -13.28 13.89 12.15
C LEU B 76 -14.45 13.94 11.18
N THR B 77 -14.89 15.15 10.84
CA THR B 77 -16.07 15.35 10.01
C THR B 77 -15.70 16.08 8.73
N ILE B 78 -16.16 15.55 7.61
CA ILE B 78 -16.05 16.19 6.30
C ILE B 78 -17.48 16.54 5.88
N SER B 79 -17.77 17.84 5.80
CA SER B 79 -19.14 18.28 5.55
C SER B 79 -19.64 17.80 4.19
N ARG B 80 -18.97 18.22 3.11
CA ARG B 80 -19.25 17.69 1.78
C ARG B 80 -17.97 17.12 1.19
N LEU B 81 -18.08 15.96 0.56
CA LEU B 81 -16.93 15.23 0.07
C LEU B 81 -16.60 15.64 -1.36
N GLU B 82 -15.42 16.22 -1.53
CA GLU B 82 -14.87 16.41 -2.87
C GLU B 82 -14.20 15.13 -3.33
N PRO B 83 -14.08 14.93 -4.65
CA PRO B 83 -13.47 13.68 -5.13
C PRO B 83 -12.07 13.42 -4.60
N GLU B 84 -11.30 14.48 -4.37
CA GLU B 84 -9.92 14.34 -3.89
C GLU B 84 -9.83 13.91 -2.43
N ASP B 85 -10.95 13.72 -1.74
CA ASP B 85 -10.93 13.43 -0.31
C ASP B 85 -11.05 11.95 0.01
N PHE B 86 -11.30 11.09 -0.98
CA PHE B 86 -11.36 9.65 -0.74
C PHE B 86 -9.94 9.12 -0.54
N ALA B 87 -9.64 8.66 0.67
CA ALA B 87 -8.32 8.16 1.00
C ALA B 87 -8.33 7.39 2.32
N ILE B 88 -7.18 7.31 2.98
CA ILE B 88 -7.06 6.74 4.32
C ILE B 88 -6.96 7.91 5.30
N TYR B 89 -7.54 7.74 6.48
CA TYR B 89 -7.46 8.75 7.53
C TYR B 89 -7.04 8.09 8.83
N TYR B 90 -6.03 8.65 9.47
CA TYR B 90 -5.50 8.14 10.71
C TYR B 90 -5.67 9.17 11.82
N CYS B 91 -5.81 8.68 13.05
CA CYS B 91 -5.70 9.51 14.24
C CYS B 91 -4.45 9.13 15.02
N GLN B 92 -3.93 10.08 15.78
CA GLN B 92 -2.72 9.88 16.56
C GLN B 92 -2.80 10.73 17.81
N GLN B 93 -2.23 10.23 18.89
CA GLN B 93 -1.99 11.07 20.07
C GLN B 93 -0.57 11.58 19.98
N TYR B 94 -0.41 12.90 20.01
CA TYR B 94 0.91 13.51 19.89
C TYR B 94 1.00 14.63 20.91
N GLY B 95 2.00 14.54 21.80
CA GLY B 95 2.26 15.55 22.80
C GLY B 95 1.96 15.12 24.22
N SER B 96 1.10 14.12 24.41
CA SER B 96 0.73 13.71 25.76
C SER B 96 1.83 12.90 26.44
N SER B 97 2.11 11.71 25.90
CA SER B 97 3.13 10.83 26.46
C SER B 97 3.65 9.91 25.36
N PRO B 98 4.97 9.79 25.20
CA PRO B 98 5.50 8.88 24.19
C PRO B 98 5.35 7.43 24.63
N PRO B 99 5.24 6.49 23.69
CA PRO B 99 5.21 6.68 22.23
C PRO B 99 3.90 7.26 21.71
N TYR B 100 3.97 7.94 20.58
CA TYR B 100 2.83 8.64 20.00
C TYR B 100 2.17 7.73 18.98
N THR B 101 1.26 6.89 19.45
CA THR B 101 0.71 5.81 18.65
C THR B 101 -0.43 6.31 17.76
N PHE B 102 -0.69 5.55 16.70
CA PHE B 102 -1.71 5.85 15.70
C PHE B 102 -2.89 4.89 15.84
N GLY B 103 -3.95 5.20 15.08
CA GLY B 103 -5.02 4.25 14.87
C GLY B 103 -4.75 3.36 13.66
N GLN B 104 -5.61 2.36 13.48
CA GLN B 104 -5.43 1.42 12.38
C GLN B 104 -5.86 1.99 11.04
N GLY B 105 -6.57 3.11 11.03
CA GLY B 105 -6.93 3.77 9.79
C GLY B 105 -8.36 3.47 9.37
N THR B 106 -8.96 4.43 8.66
CA THR B 106 -10.27 4.28 8.06
C THR B 106 -10.17 4.62 6.58
N LYS B 107 -10.69 3.74 5.73
CA LYS B 107 -10.71 3.95 4.29
C LYS B 107 -12.04 4.54 3.87
N VAL B 108 -11.99 5.60 3.06
CA VAL B 108 -13.18 6.24 2.51
C VAL B 108 -13.31 5.83 1.05
N GLU B 109 -14.39 5.13 0.73
CA GLU B 109 -14.59 4.50 -0.56
C GLU B 109 -15.75 5.16 -1.29
N ILE B 110 -15.69 5.14 -2.62
CA ILE B 110 -16.77 5.66 -3.45
C ILE B 110 -17.86 4.60 -3.57
N LYS B 111 -19.09 4.98 -3.23
CA LYS B 111 -20.23 4.07 -3.28
C LYS B 111 -20.91 4.20 -4.64
N ARG B 112 -20.94 3.12 -5.40
CA ARG B 112 -21.58 3.06 -6.70
C ARG B 112 -22.61 1.93 -6.70
N THR B 113 -23.24 1.73 -7.86
CA THR B 113 -24.18 0.63 -8.01
C THR B 113 -23.45 -0.71 -7.99
N VAL B 114 -24.21 -1.78 -7.76
CA VAL B 114 -23.62 -3.11 -7.69
C VAL B 114 -23.26 -3.58 -9.09
N ALA B 115 -22.02 -4.03 -9.26
CA ALA B 115 -21.52 -4.49 -10.54
C ALA B 115 -20.96 -5.90 -10.38
N ALA B 116 -21.39 -6.80 -11.27
CA ALA B 116 -20.93 -8.19 -11.21
C ALA B 116 -19.58 -8.32 -11.93
N PRO B 117 -18.68 -9.15 -11.42
CA PRO B 117 -17.37 -9.30 -12.05
C PRO B 117 -17.43 -10.18 -13.30
N SER B 118 -16.55 -9.87 -14.24
CA SER B 118 -16.30 -10.75 -15.38
C SER B 118 -15.25 -11.76 -14.96
N VAL B 119 -15.56 -13.04 -15.08
CA VAL B 119 -14.71 -14.11 -14.57
C VAL B 119 -13.98 -14.76 -15.74
N PHE B 120 -12.65 -14.76 -15.70
CA PHE B 120 -11.82 -15.39 -16.71
C PHE B 120 -10.81 -16.30 -16.04
N ILE B 121 -10.36 -17.32 -16.76
CA ILE B 121 -9.36 -18.26 -16.23
C ILE B 121 -8.28 -18.48 -17.28
N PHE B 122 -7.04 -18.56 -16.81
CA PHE B 122 -5.86 -18.73 -17.66
C PHE B 122 -5.10 -19.96 -17.21
N PRO B 123 -4.86 -20.92 -18.10
CA PRO B 123 -4.15 -22.14 -17.73
C PRO B 123 -2.65 -21.90 -17.71
N PRO B 124 -1.88 -22.84 -17.16
CA PRO B 124 -0.42 -22.66 -17.15
C PRO B 124 0.15 -22.60 -18.55
N SER B 125 1.37 -22.08 -18.64
CA SER B 125 2.09 -21.99 -19.90
C SER B 125 3.14 -23.10 -19.98
N ASP B 126 3.50 -23.46 -21.22
CA ASP B 126 4.55 -24.45 -21.41
C ASP B 126 5.88 -23.97 -20.82
N GLU B 127 6.14 -22.66 -20.87
CA GLU B 127 7.36 -22.12 -20.28
C GLU B 127 7.44 -22.46 -18.79
N GLN B 128 6.35 -22.26 -18.06
CA GLN B 128 6.35 -22.53 -16.64
C GLN B 128 6.39 -24.03 -16.36
N LEU B 129 5.67 -24.82 -17.17
CA LEU B 129 5.65 -26.27 -16.97
C LEU B 129 7.03 -26.88 -17.19
N LYS B 130 7.80 -26.34 -18.14
CA LYS B 130 9.16 -26.83 -18.34
C LYS B 130 10.09 -26.51 -17.18
N SER B 131 9.66 -25.69 -16.23
CA SER B 131 10.45 -25.37 -15.05
C SER B 131 10.02 -26.17 -13.82
N GLY B 132 8.95 -26.94 -13.91
CA GLY B 132 8.52 -27.78 -12.82
C GLY B 132 7.36 -27.25 -11.98
N THR B 133 6.63 -26.25 -12.47
CA THR B 133 5.58 -25.61 -11.71
C THR B 133 4.41 -25.31 -12.64
N ALA B 134 3.21 -25.20 -12.05
CA ALA B 134 2.00 -24.89 -12.79
C ALA B 134 1.18 -23.88 -12.01
N SER B 135 0.88 -22.74 -12.63
CA SER B 135 0.04 -21.72 -12.03
C SER B 135 -1.19 -21.50 -12.90
N VAL B 136 -2.36 -21.61 -12.28
CA VAL B 136 -3.63 -21.31 -12.92
C VAL B 136 -4.13 -19.99 -12.33
N VAL B 137 -4.54 -19.07 -13.21
CA VAL B 137 -4.93 -17.73 -12.78
C VAL B 137 -6.42 -17.54 -13.01
N CYS B 138 -7.09 -16.90 -12.05
CA CYS B 138 -8.50 -16.57 -12.14
C CYS B 138 -8.64 -15.08 -11.92
N LEU B 139 -9.25 -14.39 -12.89
CA LEU B 139 -9.36 -12.94 -12.89
C LEU B 139 -10.82 -12.53 -12.80
N LEU B 140 -11.13 -11.68 -11.82
CA LEU B 140 -12.44 -11.06 -11.67
C LEU B 140 -12.29 -9.60 -12.04
N ASN B 141 -12.99 -9.18 -13.09
CA ASN B 141 -12.80 -7.86 -13.69
C ASN B 141 -14.00 -6.97 -13.39
N ASN B 142 -13.71 -5.80 -12.81
CA ASN B 142 -14.67 -4.71 -12.65
C ASN B 142 -15.92 -5.14 -11.89
N PHE B 143 -15.84 -5.13 -10.56
CA PHE B 143 -16.95 -5.53 -9.72
C PHE B 143 -17.07 -4.56 -8.55
N TYR B 144 -18.27 -4.55 -7.95
CA TYR B 144 -18.52 -3.75 -6.76
C TYR B 144 -19.71 -4.34 -6.03
N PRO B 145 -19.69 -4.44 -4.69
CA PRO B 145 -18.61 -4.01 -3.79
C PRO B 145 -17.41 -4.95 -3.80
N ARG B 146 -16.41 -4.65 -2.96
CA ARG B 146 -15.17 -5.42 -2.98
C ARG B 146 -15.32 -6.82 -2.40
N GLU B 147 -16.40 -7.10 -1.69
CA GLU B 147 -16.60 -8.42 -1.10
C GLU B 147 -16.84 -9.44 -2.21
N ALA B 148 -15.94 -10.42 -2.30
CA ALA B 148 -16.04 -11.47 -3.30
C ALA B 148 -15.32 -12.71 -2.79
N LYS B 149 -15.85 -13.88 -3.13
CA LYS B 149 -15.31 -15.15 -2.66
C LYS B 149 -14.84 -15.97 -3.86
N VAL B 150 -13.55 -16.28 -3.89
CA VAL B 150 -12.94 -17.05 -4.98
C VAL B 150 -12.42 -18.35 -4.40
N GLN B 151 -12.93 -19.47 -4.90
CA GLN B 151 -12.56 -20.80 -4.43
C GLN B 151 -12.00 -21.63 -5.59
N TRP B 152 -10.98 -22.42 -5.30
CA TRP B 152 -10.36 -23.30 -6.29
C TRP B 152 -10.82 -24.73 -6.05
N LYS B 153 -11.21 -25.41 -7.12
CA LYS B 153 -11.65 -26.80 -7.04
C LYS B 153 -10.87 -27.62 -8.05
N VAL B 154 -10.27 -28.72 -7.59
CA VAL B 154 -9.49 -29.62 -8.44
C VAL B 154 -10.14 -30.99 -8.33
N ASP B 155 -10.70 -31.48 -9.43
CA ASP B 155 -11.52 -32.69 -9.43
C ASP B 155 -12.64 -32.58 -8.41
N ASN B 156 -13.31 -31.43 -8.41
CA ASN B 156 -14.45 -31.12 -7.54
C ASN B 156 -14.06 -31.08 -6.06
N ALA B 157 -12.79 -30.87 -5.75
CA ALA B 157 -12.29 -30.84 -4.39
C ALA B 157 -11.76 -29.45 -4.06
N LEU B 158 -12.25 -28.87 -2.97
CA LEU B 158 -11.84 -27.53 -2.59
C LEU B 158 -10.38 -27.51 -2.15
N GLN B 159 -9.64 -26.51 -2.63
CA GLN B 159 -8.24 -26.34 -2.30
C GLN B 159 -8.08 -25.35 -1.15
N SER B 160 -7.00 -25.52 -0.38
CA SER B 160 -6.71 -24.63 0.73
C SER B 160 -5.21 -24.63 0.98
N GLY B 161 -4.62 -23.43 0.99
CA GLY B 161 -3.22 -23.29 1.30
C GLY B 161 -2.28 -23.25 0.12
N ASN B 162 -2.80 -23.20 -1.10
CA ASN B 162 -1.94 -23.16 -2.28
C ASN B 162 -2.43 -22.14 -3.29
N SER B 163 -3.05 -21.05 -2.82
CA SER B 163 -3.55 -20.00 -3.69
C SER B 163 -3.35 -18.65 -3.02
N GLN B 164 -3.18 -17.62 -3.85
CA GLN B 164 -2.97 -16.28 -3.37
C GLN B 164 -3.87 -15.31 -4.12
N GLU B 165 -4.32 -14.27 -3.41
CA GLU B 165 -5.25 -13.29 -3.95
C GLU B 165 -4.66 -11.89 -3.90
N SER B 166 -5.11 -11.06 -4.84
CA SER B 166 -4.64 -9.67 -4.92
C SER B 166 -5.76 -8.82 -5.51
N VAL B 167 -5.96 -7.64 -4.92
CA VAL B 167 -7.03 -6.73 -5.35
C VAL B 167 -6.41 -5.39 -5.69
N THR B 168 -6.93 -4.74 -6.73
CA THR B 168 -6.45 -3.44 -7.15
C THR B 168 -7.13 -2.34 -6.33
N GLU B 169 -6.55 -1.14 -6.38
CA GLU B 169 -7.20 0.02 -5.83
C GLU B 169 -8.49 0.31 -6.58
N GLN B 170 -9.30 1.18 -6.02
CA GLN B 170 -10.55 1.56 -6.67
C GLN B 170 -10.25 2.36 -7.93
N ASP B 171 -10.89 2.00 -9.04
CA ASP B 171 -10.62 2.64 -10.31
C ASP B 171 -11.08 4.09 -10.29
N SER B 172 -10.25 4.98 -10.84
CA SER B 172 -10.62 6.38 -10.94
C SER B 172 -11.68 6.64 -12.00
N LYS B 173 -11.94 5.68 -12.88
CA LYS B 173 -12.97 5.83 -13.90
C LYS B 173 -14.32 5.35 -13.40
N ASP B 174 -14.52 4.03 -13.38
CA ASP B 174 -15.80 3.43 -13.04
C ASP B 174 -15.90 3.03 -11.57
N SER B 175 -14.86 3.27 -10.77
CA SER B 175 -14.90 3.04 -9.32
C SER B 175 -15.15 1.58 -8.98
N THR B 176 -14.60 0.67 -9.77
CA THR B 176 -14.74 -0.76 -9.55
C THR B 176 -13.43 -1.34 -9.04
N TYR B 177 -13.46 -2.62 -8.69
CA TYR B 177 -12.30 -3.37 -8.25
C TYR B 177 -12.00 -4.49 -9.22
N SER B 178 -10.78 -5.01 -9.13
CA SER B 178 -10.38 -6.19 -9.89
C SER B 178 -9.57 -7.09 -8.99
N LEU B 179 -9.77 -8.40 -9.14
CA LEU B 179 -9.11 -9.39 -8.30
C LEU B 179 -8.40 -10.42 -9.17
N SER B 180 -7.21 -10.81 -8.74
CA SER B 180 -6.44 -11.86 -9.38
C SER B 180 -6.09 -12.91 -8.34
N SER B 181 -6.43 -14.17 -8.62
CA SER B 181 -6.12 -15.29 -7.75
C SER B 181 -5.25 -16.28 -8.51
N THR B 182 -4.15 -16.68 -7.89
CA THR B 182 -3.18 -17.59 -8.52
C THR B 182 -3.09 -18.86 -7.69
N LEU B 183 -3.40 -20.00 -8.31
CA LEU B 183 -3.25 -21.31 -7.71
C LEU B 183 -1.98 -21.95 -8.26
N THR B 184 -1.09 -22.39 -7.38
CA THR B 184 0.21 -22.89 -7.78
C THR B 184 0.42 -24.31 -7.26
N LEU B 185 0.80 -25.21 -8.16
CA LEU B 185 1.13 -26.59 -7.83
C LEU B 185 2.44 -26.97 -8.49
N SER B 186 2.98 -28.12 -8.08
CA SER B 186 4.12 -28.68 -8.76
C SER B 186 3.66 -29.37 -10.05
N LYS B 187 4.61 -29.61 -10.95
CA LYS B 187 4.27 -30.26 -12.22
C LYS B 187 3.67 -31.64 -11.97
N ALA B 188 4.18 -32.37 -10.99
CA ALA B 188 3.63 -33.68 -10.66
C ALA B 188 2.21 -33.55 -10.09
N ASP B 189 2.06 -32.75 -9.03
CA ASP B 189 0.74 -32.54 -8.43
C ASP B 189 -0.25 -32.02 -9.47
N TYR B 190 0.22 -31.16 -10.39
CA TYR B 190 -0.67 -30.65 -11.42
C TYR B 190 -1.10 -31.76 -12.38
N GLU B 191 -0.14 -32.50 -12.93
CA GLU B 191 -0.47 -33.53 -13.92
C GLU B 191 -1.17 -34.74 -13.31
N LYS B 192 -1.25 -34.83 -11.99
CA LYS B 192 -2.00 -35.92 -11.37
C LYS B 192 -3.51 -35.70 -11.37
N HIS B 193 -4.00 -34.60 -11.92
CA HIS B 193 -5.43 -34.30 -11.94
C HIS B 193 -5.84 -33.88 -13.36
N LYS B 194 -7.13 -33.57 -13.52
CA LYS B 194 -7.66 -33.24 -14.84
C LYS B 194 -8.42 -31.93 -14.88
N VAL B 195 -9.42 -31.77 -14.02
CA VAL B 195 -10.33 -30.63 -14.06
C VAL B 195 -9.87 -29.57 -13.05
N TYR B 196 -9.76 -28.33 -13.51
CA TYR B 196 -9.39 -27.20 -12.65
C TYR B 196 -10.45 -26.12 -12.80
N ALA B 197 -11.05 -25.70 -11.68
CA ALA B 197 -12.20 -24.83 -11.69
C ALA B 197 -12.04 -23.71 -10.68
N CYS B 198 -12.57 -22.54 -11.05
CA CYS B 198 -12.58 -21.34 -10.22
C CYS B 198 -14.04 -20.95 -10.00
N GLU B 199 -14.47 -20.96 -8.73
CA GLU B 199 -15.85 -20.67 -8.36
C GLU B 199 -15.90 -19.31 -7.67
N VAL B 200 -16.82 -18.46 -8.12
CA VAL B 200 -16.88 -17.06 -7.71
C VAL B 200 -18.25 -16.79 -7.12
N THR B 201 -18.27 -16.22 -5.92
CA THR B 201 -19.48 -15.76 -5.25
C THR B 201 -19.38 -14.25 -5.07
N HIS B 202 -20.45 -13.55 -5.46
CA HIS B 202 -20.49 -12.10 -5.37
C HIS B 202 -21.94 -11.66 -5.24
N GLN B 203 -22.13 -10.47 -4.67
CA GLN B 203 -23.49 -9.95 -4.48
C GLN B 203 -24.20 -9.78 -5.82
N GLY B 204 -23.47 -9.34 -6.84
CA GLY B 204 -24.03 -9.14 -8.17
C GLY B 204 -24.33 -10.41 -8.94
N LEU B 205 -24.08 -11.57 -8.37
CA LEU B 205 -24.36 -12.85 -9.00
C LEU B 205 -25.47 -13.57 -8.20
N SER B 206 -26.53 -13.96 -8.90
CA SER B 206 -27.60 -14.72 -8.25
C SER B 206 -27.06 -16.01 -7.65
N SER B 207 -26.50 -16.86 -8.51
CA SER B 207 -25.79 -18.06 -8.11
C SER B 207 -24.31 -17.93 -8.43
N PRO B 208 -23.45 -18.68 -7.75
CA PRO B 208 -22.01 -18.60 -8.04
C PRO B 208 -21.71 -18.96 -9.49
N VAL B 209 -20.59 -18.45 -9.98
CA VAL B 209 -20.16 -18.63 -11.37
C VAL B 209 -18.91 -19.50 -11.37
N THR B 210 -18.88 -20.51 -12.23
CA THR B 210 -17.77 -21.45 -12.30
C THR B 210 -17.10 -21.36 -13.66
N LYS B 211 -15.78 -21.16 -13.67
CA LYS B 211 -14.97 -21.23 -14.88
C LYS B 211 -13.99 -22.38 -14.74
N SER B 212 -14.12 -23.39 -15.58
CA SER B 212 -13.33 -24.61 -15.44
C SER B 212 -12.66 -24.96 -16.76
N PHE B 213 -11.67 -25.85 -16.67
CA PHE B 213 -11.04 -26.39 -17.87
C PHE B 213 -10.44 -27.76 -17.56
N ASN B 214 -10.32 -28.57 -18.60
CA ASN B 214 -9.64 -29.85 -18.51
C ASN B 214 -8.19 -29.69 -18.92
N ARG B 215 -7.29 -30.24 -18.11
CA ARG B 215 -5.86 -30.18 -18.42
C ARG B 215 -5.54 -30.81 -19.77
N GLY B 216 -6.35 -31.77 -20.21
CA GLY B 216 -6.15 -32.39 -21.51
C GLY B 216 -6.52 -31.50 -22.69
N GLU B 217 -7.36 -30.49 -22.46
CA GLU B 217 -7.73 -29.58 -23.54
C GLU B 217 -6.53 -28.74 -23.97
N CYS B 218 -5.86 -28.12 -23.00
CA CYS B 218 -4.69 -27.28 -23.28
C CYS B 218 -3.46 -28.12 -23.64
#